data_3F7E
#
_entry.id   3F7E
#
_cell.length_a   56.863
_cell.length_b   65.347
_cell.length_c   69.739
_cell.angle_alpha   90.00
_cell.angle_beta   90.00
_cell.angle_gamma   90.00
#
_symmetry.space_group_name_H-M   'P 21 21 21'
#
loop_
_entity.id
_entity.type
_entity.pdbx_description
1 polymer "Pyridoxamine 5'-phosphate oxidase-related, FMN-binding"
2 water water
#
_entity_poly.entity_id   1
_entity_poly.type   'polypeptide(L)'
_entity_poly.pdbx_seq_one_letter_code
;MVAVPEGYESLLERPLYGHLATVRPDGTPQVNA(MSE)WFAWDGEVLRFTHTTKRQKYRNIKANPAVA(MSE)SVIDPDN
PYRYLEVRGLVEDIVPDPTGAFYLKLNDRYDGPLTEPPADKADRVIIVVRPTAFSKQVA
;
_entity_poly.pdbx_strand_id   A,B
#
# COMPACT_ATOMS: atom_id res chain seq x y z
N VAL A 2 6.86 -19.31 7.55
CA VAL A 2 7.17 -18.09 8.34
C VAL A 2 6.00 -17.76 9.26
N ALA A 3 6.27 -17.62 10.56
CA ALA A 3 5.18 -17.40 11.51
C ALA A 3 4.71 -15.93 11.54
N VAL A 4 3.38 -15.72 11.56
CA VAL A 4 2.75 -14.39 11.86
C VAL A 4 3.31 -14.05 13.25
N PRO A 5 3.78 -12.82 13.46
CA PRO A 5 3.82 -12.24 14.82
C PRO A 5 2.64 -12.27 15.76
N GLU A 6 2.90 -12.45 17.06
CA GLU A 6 2.17 -13.40 17.87
C GLU A 6 1.07 -12.35 18.12
N GLY A 7 -0.18 -12.70 17.87
CA GLY A 7 -1.27 -11.74 18.09
C GLY A 7 -1.61 -10.73 17.00
N TYR A 8 -1.01 -10.86 15.81
CA TYR A 8 -1.27 -9.98 14.67
C TYR A 8 -1.99 -10.68 13.51
N GLU A 9 -2.12 -11.99 13.60
CA GLU A 9 -2.85 -12.76 12.61
C GLU A 9 -4.30 -12.27 12.51
N SER A 10 -4.81 -11.72 13.62
N SER A 10 -4.82 -11.72 13.62
CA SER A 10 -6.14 -11.15 13.65
CA SER A 10 -6.17 -11.13 13.62
C SER A 10 -6.38 -10.11 12.56
C SER A 10 -6.37 -10.15 12.48
N LEU A 11 -5.36 -9.32 12.20
CA LEU A 11 -5.48 -8.30 11.15
C LEU A 11 -5.74 -8.97 9.82
N LEU A 12 -5.14 -10.14 9.58
CA LEU A 12 -5.35 -10.85 8.33
C LEU A 12 -6.68 -11.56 8.27
N GLU A 13 -7.31 -11.78 9.45
CA GLU A 13 -8.63 -12.41 9.48
C GLU A 13 -9.80 -11.46 9.27
N ARG A 14 -9.50 -10.17 9.31
CA ARG A 14 -10.52 -9.14 9.20
C ARG A 14 -10.73 -8.70 7.76
N PRO A 15 -11.96 -8.23 7.44
CA PRO A 15 -12.25 -7.70 6.09
C PRO A 15 -11.72 -6.28 5.91
N LEU A 16 -10.39 -6.17 5.90
CA LEU A 16 -9.71 -4.89 5.71
C LEU A 16 -9.07 -4.87 4.33
N TYR A 17 -8.88 -3.68 3.75
CA TYR A 17 -8.10 -3.62 2.52
C TYR A 17 -6.63 -3.89 2.75
N GLY A 18 -6.04 -4.64 1.84
CA GLY A 18 -4.60 -4.78 1.80
C GLY A 18 -4.03 -4.04 0.60
N HIS A 19 -2.95 -3.31 0.81
CA HIS A 19 -2.38 -2.49 -0.26
C HIS A 19 -1.20 -3.31 -0.78
N LEU A 20 -1.40 -3.89 -1.98
CA LEU A 20 -0.50 -4.89 -2.56
C LEU A 20 0.43 -4.23 -3.55
N ALA A 21 1.73 -4.36 -3.27
CA ALA A 21 2.79 -3.78 -4.11
C ALA A 21 3.45 -4.84 -4.95
N THR A 22 3.69 -4.50 -6.20
CA THR A 22 4.39 -5.34 -7.16
C THR A 22 5.46 -4.45 -7.81
N VAL A 23 6.35 -5.05 -8.60
CA VAL A 23 7.38 -4.27 -9.28
C VAL A 23 7.23 -4.50 -10.77
N ARG A 24 7.30 -3.40 -11.51
CA ARG A 24 7.28 -3.49 -12.97
C ARG A 24 8.62 -4.00 -13.52
N PRO A 25 8.63 -4.55 -14.76
CA PRO A 25 9.89 -4.94 -15.40
C PRO A 25 10.94 -3.84 -15.46
N ASP A 26 10.53 -2.57 -15.47
CA ASP A 26 11.49 -1.45 -15.47
C ASP A 26 12.05 -1.12 -14.07
N GLY A 27 11.64 -1.89 -13.07
CA GLY A 27 12.19 -1.72 -11.75
C GLY A 27 11.48 -0.70 -10.89
N THR A 28 10.36 -0.15 -11.36
CA THR A 28 9.60 0.81 -10.55
C THR A 28 8.35 0.13 -9.94
N PRO A 29 7.90 0.58 -8.76
CA PRO A 29 6.81 -0.11 -8.06
C PRO A 29 5.42 0.31 -8.47
N GLN A 30 4.47 -0.56 -8.17
CA GLN A 30 3.04 -0.35 -8.36
C GLN A 30 2.38 -0.78 -7.03
N VAL A 31 1.33 -0.08 -6.57
CA VAL A 31 0.63 -0.51 -5.36
C VAL A 31 -0.86 -0.18 -5.52
N ASN A 32 -1.70 -1.12 -5.12
CA ASN A 32 -3.15 -0.99 -5.30
C ASN A 32 -3.88 -1.54 -4.09
N ALA A 33 -4.96 -0.88 -3.68
CA ALA A 33 -5.81 -1.37 -2.60
C ALA A 33 -6.58 -2.59 -3.13
N TRP A 35 -9.07 -6.34 -1.98
N TRP A 35 -9.00 -6.23 -1.89
CA TRP A 35 -9.57 -7.38 -1.06
CA TRP A 35 -9.48 -7.36 -1.11
C TRP A 35 -8.59 -8.54 -1.07
C TRP A 35 -8.34 -8.37 -0.92
N PHE A 36 -8.49 -9.23 0.07
CA PHE A 36 -7.66 -10.42 0.14
C PHE A 36 -8.38 -11.47 0.97
N ALA A 37 -7.95 -12.72 0.82
CA ALA A 37 -8.37 -13.81 1.70
C ALA A 37 -7.13 -14.46 2.31
N TRP A 38 -7.17 -14.80 3.59
CA TRP A 38 -6.09 -15.47 4.29
C TRP A 38 -6.62 -16.76 4.88
N ASP A 39 -5.93 -17.87 4.61
CA ASP A 39 -6.38 -19.17 5.12
C ASP A 39 -5.51 -19.71 6.25
N GLY A 40 -4.63 -18.88 6.81
CA GLY A 40 -3.66 -19.29 7.85
C GLY A 40 -2.29 -19.60 7.30
N GLU A 41 -2.20 -19.76 5.98
CA GLU A 41 -0.95 -20.12 5.30
C GLU A 41 -0.60 -19.22 4.10
N VAL A 42 -1.59 -18.94 3.26
CA VAL A 42 -1.37 -18.14 2.06
C VAL A 42 -2.44 -17.06 1.95
N LEU A 43 -2.07 -15.99 1.25
CA LEU A 43 -2.99 -14.90 0.85
C LEU A 43 -3.47 -15.18 -0.56
N ARG A 44 -4.74 -14.88 -0.83
CA ARG A 44 -5.28 -15.00 -2.20
C ARG A 44 -5.93 -13.68 -2.61
N PHE A 45 -5.73 -13.34 -3.89
CA PHE A 45 -6.26 -12.11 -4.50
C PHE A 45 -6.97 -12.44 -5.81
N THR A 46 -7.90 -11.58 -6.21
CA THR A 46 -8.52 -11.70 -7.52
C THR A 46 -7.86 -10.69 -8.46
N HIS A 47 -7.47 -11.17 -9.64
CA HIS A 47 -6.83 -10.34 -10.69
C HIS A 47 -7.43 -10.76 -12.03
N THR A 48 -7.20 -9.96 -13.06
CA THR A 48 -7.36 -10.49 -14.42
C THR A 48 -6.01 -10.61 -15.11
N THR A 49 -5.99 -11.42 -16.16
CA THR A 49 -4.77 -11.62 -16.91
C THR A 49 -4.43 -10.48 -17.87
N LYS A 50 -5.27 -9.45 -17.89
N LYS A 50 -5.27 -9.45 -17.89
CA LYS A 50 -5.18 -8.39 -18.89
CA LYS A 50 -5.16 -8.39 -18.91
C LYS A 50 -4.61 -7.06 -18.41
C LYS A 50 -4.53 -7.09 -18.42
N ARG A 51 -4.35 -6.95 -17.11
CA ARG A 51 -3.80 -5.71 -16.52
C ARG A 51 -2.32 -5.78 -16.15
N GLN A 52 -1.73 -4.62 -15.89
CA GLN A 52 -0.32 -4.52 -15.60
C GLN A 52 0.08 -5.27 -14.33
N LYS A 53 -0.78 -5.25 -13.32
CA LYS A 53 -0.43 -5.93 -12.06
C LYS A 53 -0.12 -7.41 -12.32
N TYR A 54 -0.91 -8.05 -13.19
CA TYR A 54 -0.65 -9.42 -13.58
C TYR A 54 0.67 -9.58 -14.32
N ARG A 55 0.90 -8.72 -15.31
CA ARG A 55 2.18 -8.77 -16.01
C ARG A 55 3.38 -8.58 -15.08
N ASN A 56 3.21 -7.72 -14.07
CA ASN A 56 4.30 -7.51 -13.11
C ASN A 56 4.68 -8.83 -12.43
N ILE A 57 3.67 -9.56 -11.95
CA ILE A 57 3.91 -10.77 -11.16
C ILE A 57 4.40 -11.92 -12.03
N LYS A 58 4.03 -11.94 -13.31
CA LYS A 58 4.55 -12.95 -14.22
C LYS A 58 6.05 -12.78 -14.42
N ALA A 59 6.55 -11.53 -14.38
CA ALA A 59 7.99 -11.27 -14.55
C ALA A 59 8.78 -11.22 -13.24
N ASN A 60 8.11 -10.90 -12.13
CA ASN A 60 8.77 -10.81 -10.85
C ASN A 60 7.74 -11.24 -9.81
N PRO A 61 7.87 -12.44 -9.25
CA PRO A 61 6.83 -12.97 -8.33
C PRO A 61 6.86 -12.36 -6.93
N ALA A 62 7.81 -11.47 -6.64
CA ALA A 62 7.91 -10.92 -5.29
C ALA A 62 6.91 -9.79 -5.09
N VAL A 63 6.16 -9.85 -3.99
CA VAL A 63 5.15 -8.88 -3.68
C VAL A 63 5.25 -8.45 -2.20
N ALA A 64 4.52 -7.41 -1.84
CA ALA A 64 4.42 -6.98 -0.44
C ALA A 64 3.02 -6.43 -0.22
N SER A 66 0.51 -4.26 2.66
N SER A 66 0.47 -4.28 2.68
CA SER A 66 0.35 -3.44 3.87
CA SER A 66 0.30 -3.50 3.91
C SER A 66 -1.11 -3.38 4.27
C SER A 66 -1.17 -3.48 4.33
N VAL A 67 -1.37 -3.75 5.51
N VAL A 67 -1.43 -3.77 5.60
CA VAL A 67 -2.70 -3.64 6.15
CA VAL A 67 -2.78 -3.69 6.15
C VAL A 67 -2.57 -2.81 7.41
C VAL A 67 -2.65 -2.90 7.46
N ILE A 68 -3.55 -1.95 7.66
CA ILE A 68 -3.55 -1.15 8.86
C ILE A 68 -4.89 -1.23 9.56
N ASP A 69 -4.87 -1.25 10.89
CA ASP A 69 -6.12 -1.21 11.65
C ASP A 69 -6.79 0.13 11.32
N PRO A 70 -8.09 0.11 10.96
CA PRO A 70 -8.74 1.35 10.50
C PRO A 70 -8.97 2.39 11.59
N ASP A 71 -8.89 1.97 12.85
CA ASP A 71 -9.22 2.84 13.98
C ASP A 71 -8.03 3.18 14.85
N ASN A 72 -7.03 2.29 14.88
CA ASN A 72 -5.75 2.62 15.52
C ASN A 72 -4.57 2.40 14.59
N PRO A 73 -4.06 3.50 14.02
CA PRO A 73 -3.03 3.36 13.00
C PRO A 73 -1.68 2.84 13.50
N TYR A 74 -1.50 2.79 14.82
CA TYR A 74 -0.28 2.22 15.38
C TYR A 74 -0.29 0.68 15.34
N ARG A 75 -1.45 0.08 15.03
CA ARG A 75 -1.56 -1.37 14.85
C ARG A 75 -1.60 -1.70 13.34
N TYR A 76 -0.59 -2.43 12.82
CA TYR A 76 -0.49 -2.66 11.39
C TYR A 76 0.32 -3.91 11.12
N LEU A 77 0.30 -4.36 9.84
CA LEU A 77 1.06 -5.60 9.50
C LEU A 77 1.49 -5.43 8.06
N GLU A 78 2.79 -5.63 7.85
CA GLU A 78 3.40 -5.64 6.52
C GLU A 78 3.84 -7.05 6.20
N VAL A 79 3.36 -7.58 5.07
CA VAL A 79 3.64 -8.96 4.67
C VAL A 79 4.42 -8.98 3.36
N ARG A 80 5.66 -9.48 3.34
CA ARG A 80 6.35 -9.69 2.05
C ARG A 80 6.16 -11.15 1.67
N GLY A 81 6.16 -11.47 0.38
CA GLY A 81 5.95 -12.87 0.00
C GLY A 81 6.20 -13.07 -1.47
N LEU A 82 5.95 -14.29 -1.91
CA LEU A 82 6.13 -14.68 -3.30
C LEU A 82 4.85 -15.27 -3.86
N VAL A 83 4.51 -14.89 -5.10
CA VAL A 83 3.42 -15.55 -5.80
C VAL A 83 3.88 -16.97 -6.12
N GLU A 84 3.12 -17.95 -5.61
CA GLU A 84 3.47 -19.35 -5.86
C GLU A 84 2.48 -20.09 -6.75
N ASP A 85 1.30 -19.50 -6.98
CA ASP A 85 0.35 -20.11 -7.93
C ASP A 85 -0.54 -19.04 -8.53
N ILE A 86 -1.07 -19.33 -9.72
CA ILE A 86 -2.06 -18.50 -10.39
C ILE A 86 -3.07 -19.49 -10.95
N VAL A 87 -4.30 -19.40 -10.46
CA VAL A 87 -5.33 -20.40 -10.76
C VAL A 87 -6.47 -19.73 -11.55
N PRO A 88 -6.80 -20.20 -12.77
CA PRO A 88 -7.95 -19.60 -13.46
C PRO A 88 -9.25 -19.64 -12.66
N ASP A 89 -10.00 -18.53 -12.72
CA ASP A 89 -11.29 -18.38 -12.06
C ASP A 89 -12.34 -17.92 -13.09
N PRO A 90 -12.53 -18.66 -14.19
CA PRO A 90 -13.37 -18.17 -15.29
C PRO A 90 -14.86 -18.00 -14.97
N THR A 91 -15.34 -18.60 -13.89
CA THR A 91 -16.73 -18.38 -13.44
C THR A 91 -16.86 -17.20 -12.48
N GLY A 92 -15.73 -16.66 -12.01
CA GLY A 92 -15.76 -15.57 -11.05
C GLY A 92 -16.15 -15.99 -9.64
N ALA A 93 -16.19 -17.30 -9.39
CA ALA A 93 -16.56 -17.80 -8.10
C ALA A 93 -15.65 -17.31 -6.97
N PHE A 94 -14.33 -17.25 -7.20
CA PHE A 94 -13.43 -16.78 -6.17
C PHE A 94 -13.66 -15.28 -5.92
N TYR A 95 -13.75 -14.51 -7.00
CA TYR A 95 -14.11 -13.09 -6.89
C TYR A 95 -15.35 -12.92 -5.99
N LEU A 96 -16.38 -13.74 -6.19
CA LEU A 96 -17.60 -13.61 -5.38
C LEU A 96 -17.40 -14.02 -3.92
N LYS A 97 -16.55 -15.02 -3.66
CA LYS A 97 -16.20 -15.31 -2.26
C LYS A 97 -15.51 -14.13 -1.55
N LEU A 98 -14.63 -13.42 -2.25
CA LEU A 98 -13.97 -12.22 -1.67
C LEU A 98 -15.02 -11.15 -1.40
N ASN A 99 -15.91 -10.92 -2.36
CA ASN A 99 -16.97 -9.93 -2.12
C ASN A 99 -17.79 -10.30 -0.88
N ASP A 100 -18.10 -11.58 -0.74
CA ASP A 100 -18.86 -12.06 0.41
C ASP A 100 -18.10 -11.81 1.72
N ARG A 101 -16.80 -12.08 1.73
CA ARG A 101 -15.94 -11.86 2.90
C ARG A 101 -16.01 -10.40 3.38
N TYR A 102 -16.19 -9.49 2.42
CA TYR A 102 -16.21 -8.06 2.70
C TYR A 102 -17.61 -7.49 2.80
N ASP A 103 -18.63 -8.37 2.67
CA ASP A 103 -20.03 -7.95 2.58
C ASP A 103 -20.22 -6.81 1.56
N GLY A 104 -19.58 -6.99 0.42
CA GLY A 104 -19.53 -5.98 -0.63
C GLY A 104 -20.74 -6.01 -1.55
N PRO A 105 -20.83 -4.99 -2.41
CA PRO A 105 -21.94 -4.89 -3.35
C PRO A 105 -21.77 -5.71 -4.64
N LEU A 106 -20.58 -6.28 -4.83
N LEU A 106 -20.60 -6.29 -4.84
CA LEU A 106 -20.21 -7.01 -6.06
CA LEU A 106 -20.29 -6.95 -6.10
C LEU A 106 -20.66 -8.47 -6.00
C LEU A 106 -20.66 -8.42 -6.05
N THR A 107 -21.98 -8.67 -6.01
CA THR A 107 -22.55 -10.00 -5.73
C THR A 107 -22.85 -10.83 -6.97
N GLU A 108 -22.62 -10.26 -8.15
CA GLU A 108 -22.81 -11.00 -9.42
C GLU A 108 -21.44 -11.18 -10.07
N PRO A 109 -21.27 -12.23 -10.91
CA PRO A 109 -19.95 -12.42 -11.50
C PRO A 109 -19.60 -11.22 -12.37
N PRO A 110 -18.30 -10.84 -12.44
CA PRO A 110 -17.86 -9.68 -13.22
C PRO A 110 -17.91 -9.91 -14.73
N ALA A 111 -18.14 -8.85 -15.52
CA ALA A 111 -18.12 -8.96 -16.98
C ALA A 111 -16.81 -9.55 -17.51
N ASP A 112 -15.72 -9.36 -16.76
CA ASP A 112 -14.39 -9.83 -17.20
C ASP A 112 -14.06 -11.23 -16.69
N LYS A 113 -15.07 -11.94 -16.22
CA LYS A 113 -14.82 -13.24 -15.56
C LYS A 113 -13.97 -14.23 -16.37
N ALA A 114 -14.08 -14.25 -17.69
CA ALA A 114 -13.29 -15.21 -18.49
C ALA A 114 -11.79 -15.03 -18.26
N ASP A 115 -11.38 -13.82 -17.87
CA ASP A 115 -9.96 -13.50 -17.68
C ASP A 115 -9.54 -13.44 -16.20
N ARG A 116 -10.45 -13.81 -15.30
CA ARG A 116 -10.15 -13.77 -13.86
C ARG A 116 -9.26 -14.92 -13.42
N VAL A 117 -8.36 -14.63 -12.47
CA VAL A 117 -7.50 -15.62 -11.87
C VAL A 117 -7.46 -15.39 -10.36
N ILE A 118 -6.98 -16.41 -9.66
CA ILE A 118 -6.67 -16.35 -8.24
C ILE A 118 -5.16 -16.31 -8.11
N ILE A 119 -4.66 -15.26 -7.48
CA ILE A 119 -3.20 -15.12 -7.24
C ILE A 119 -2.90 -15.60 -5.83
N VAL A 120 -2.01 -16.56 -5.68
CA VAL A 120 -1.73 -17.20 -4.39
C VAL A 120 -0.33 -16.80 -3.92
N VAL A 121 -0.24 -16.15 -2.76
CA VAL A 121 1.01 -15.61 -2.24
C VAL A 121 1.37 -16.27 -0.91
N ARG A 122 2.59 -16.80 -0.85
CA ARG A 122 3.12 -17.39 0.38
C ARG A 122 4.03 -16.38 1.06
N PRO A 123 3.71 -15.98 2.31
CA PRO A 123 4.55 -15.04 3.02
C PRO A 123 5.99 -15.50 3.19
N THR A 124 6.91 -14.54 3.08
CA THR A 124 8.34 -14.73 3.38
C THR A 124 8.79 -13.91 4.58
N ALA A 125 8.02 -12.88 4.97
CA ALA A 125 8.40 -12.01 6.07
C ALA A 125 7.19 -11.23 6.57
N PHE A 126 7.22 -10.92 7.86
CA PHE A 126 6.23 -10.05 8.50
C PHE A 126 6.93 -8.97 9.29
N SER A 127 6.32 -7.77 9.32
CA SER A 127 6.77 -6.71 10.21
C SER A 127 5.58 -5.92 10.74
N LYS A 128 5.61 -5.62 12.03
CA LYS A 128 4.56 -4.82 12.67
C LYS A 128 5.16 -3.68 13.52
N GLN A 129 6.43 -3.38 13.28
N GLN A 129 6.42 -3.36 13.27
CA GLN A 129 7.10 -2.25 13.93
CA GLN A 129 7.11 -2.30 14.00
C GLN A 129 8.17 -1.59 13.05
C GLN A 129 8.21 -1.66 13.18
N VAL B 4 -4.30 15.45 -11.56
CA VAL B 4 -5.15 14.48 -10.78
C VAL B 4 -6.53 14.41 -11.42
N PRO B 5 -7.06 13.19 -11.64
CA PRO B 5 -8.37 13.16 -12.33
C PRO B 5 -9.57 13.62 -11.50
N GLU B 6 -10.68 13.98 -12.14
CA GLU B 6 -11.44 15.14 -11.69
C GLU B 6 -12.23 14.45 -10.54
N GLY B 7 -12.33 15.05 -9.37
CA GLY B 7 -13.11 14.43 -8.26
C GLY B 7 -12.27 13.60 -7.30
N TYR B 8 -10.98 13.49 -7.58
CA TYR B 8 -10.13 12.62 -6.77
C TYR B 8 -9.07 13.32 -5.96
N GLU B 9 -8.87 14.61 -6.21
CA GLU B 9 -7.80 15.31 -5.53
C GLU B 9 -8.10 15.41 -4.04
N SER B 10 -9.39 15.45 -3.73
CA SER B 10 -9.86 15.53 -2.37
C SER B 10 -9.33 14.37 -1.54
N LEU B 11 -9.06 13.23 -2.16
CA LEU B 11 -8.47 12.14 -1.43
C LEU B 11 -7.18 12.67 -0.89
N LEU B 12 -6.39 13.37 -1.71
CA LEU B 12 -5.03 13.77 -1.35
C LEU B 12 -4.98 14.88 -0.31
N GLU B 13 -6.10 15.58 -0.16
N GLU B 13 -6.08 15.62 -0.17
CA GLU B 13 -6.23 16.68 0.79
CA GLU B 13 -6.15 16.68 0.85
C GLU B 13 -6.59 16.18 2.19
C GLU B 13 -6.48 16.12 2.22
N ARG B 14 -7.13 14.96 2.25
CA ARG B 14 -7.63 14.37 3.51
C ARG B 14 -6.52 13.73 4.31
N PRO B 15 -6.63 13.73 5.64
CA PRO B 15 -5.65 13.05 6.49
C PRO B 15 -5.91 11.54 6.53
N LEU B 16 -5.58 10.89 5.43
CA LEU B 16 -5.73 9.45 5.27
C LEU B 16 -4.36 8.80 5.29
N TYR B 17 -4.30 7.53 5.65
CA TYR B 17 -3.05 6.80 5.63
C TYR B 17 -2.76 6.32 4.22
N GLY B 18 -1.64 6.76 3.66
CA GLY B 18 -1.18 6.31 2.36
C GLY B 18 -0.23 5.13 2.53
N HIS B 19 -0.22 4.23 1.57
CA HIS B 19 0.62 3.05 1.62
C HIS B 19 1.68 3.22 0.55
N LEU B 20 2.90 3.54 1.00
CA LEU B 20 3.99 3.95 0.14
C LEU B 20 4.84 2.72 -0.19
N ALA B 21 4.93 2.42 -1.48
CA ALA B 21 5.72 1.32 -2.02
C ALA B 21 7.06 1.82 -2.54
N THR B 22 8.10 1.10 -2.13
CA THR B 22 9.48 1.34 -2.57
C THR B 22 10.05 0.00 -3.07
N VAL B 23 11.22 0.07 -3.70
CA VAL B 23 11.89 -1.15 -4.15
C VAL B 23 13.16 -1.33 -3.36
N ARG B 24 13.34 -2.54 -2.84
CA ARG B 24 14.50 -2.86 -2.02
C ARG B 24 15.72 -3.10 -2.90
N PRO B 25 16.93 -3.05 -2.32
CA PRO B 25 18.11 -3.38 -3.11
C PRO B 25 18.10 -4.74 -3.83
N ASP B 26 17.37 -5.72 -3.29
CA ASP B 26 17.21 -7.03 -3.94
C ASP B 26 16.18 -7.07 -5.08
N GLY B 27 15.60 -5.91 -5.41
CA GLY B 27 14.66 -5.77 -6.52
C GLY B 27 13.23 -6.13 -6.18
N THR B 28 12.98 -6.45 -4.90
CA THR B 28 11.64 -6.84 -4.47
C THR B 28 10.96 -5.63 -3.80
N PRO B 29 9.61 -5.60 -3.80
CA PRO B 29 8.93 -4.41 -3.25
C PRO B 29 8.77 -4.44 -1.74
N GLN B 30 8.51 -3.26 -1.19
CA GLN B 30 8.18 -3.07 0.18
C GLN B 30 7.06 -2.04 0.21
N VAL B 31 6.17 -2.13 1.20
CA VAL B 31 5.09 -1.14 1.34
C VAL B 31 4.83 -0.86 2.82
N ASN B 32 4.74 0.44 3.15
CA ASN B 32 4.59 0.92 4.52
C ASN B 32 3.50 1.98 4.61
N ALA B 33 2.64 1.91 5.62
CA ALA B 33 1.57 2.89 5.81
C ALA B 33 2.16 4.15 6.42
N TRP B 35 1.64 8.72 7.14
CA TRP B 35 1.09 10.06 6.95
C TRP B 35 1.65 10.66 5.64
N PHE B 36 0.90 11.61 5.04
CA PHE B 36 1.48 12.36 3.92
C PHE B 36 0.87 13.76 3.89
N ALA B 37 1.54 14.67 3.19
CA ALA B 37 1.01 16.00 2.91
C ALA B 37 1.09 16.29 1.43
N TRP B 38 -0.02 16.73 0.85
CA TRP B 38 -0.11 17.12 -0.56
C TRP B 38 -0.24 18.64 -0.65
N ASP B 39 0.55 19.28 -1.52
CA ASP B 39 0.46 20.73 -1.65
C ASP B 39 -0.08 21.17 -3.01
N GLY B 40 -0.65 20.22 -3.77
CA GLY B 40 -1.14 20.53 -5.11
C GLY B 40 -0.13 20.20 -6.20
N GLU B 41 1.14 20.00 -5.82
N GLU B 41 1.13 19.98 -5.83
CA GLU B 41 2.26 19.72 -6.76
CA GLU B 41 2.19 19.63 -6.80
C GLU B 41 3.07 18.48 -6.37
C GLU B 41 3.01 18.41 -6.36
N VAL B 42 3.39 18.37 -5.08
CA VAL B 42 4.21 17.29 -4.57
C VAL B 42 3.63 16.70 -3.29
N LEU B 43 4.00 15.44 -3.06
CA LEU B 43 3.74 14.76 -1.79
C LEU B 43 4.96 14.87 -0.88
N ARG B 44 4.73 15.04 0.41
CA ARG B 44 5.80 15.06 1.40
C ARG B 44 5.54 14.06 2.49
N PHE B 45 6.60 13.38 2.91
CA PHE B 45 6.56 12.35 3.95
C PHE B 45 7.60 12.64 4.99
N THR B 46 7.32 12.25 6.23
CA THR B 46 8.34 12.28 7.29
C THR B 46 9.01 10.90 7.35
N HIS B 47 10.34 10.91 7.45
CA HIS B 47 11.11 9.66 7.55
C HIS B 47 12.27 9.91 8.50
N THR B 48 12.84 8.85 9.05
CA THR B 48 14.20 8.96 9.58
C THR B 48 15.19 8.33 8.63
N THR B 49 16.45 8.69 8.79
CA THR B 49 17.52 8.14 7.96
C THR B 49 17.92 6.73 8.39
N LYS B 50 17.27 6.19 9.40
CA LYS B 50 17.68 4.91 9.98
C LYS B 50 16.99 3.66 9.39
N ARG B 51 15.87 3.86 8.71
CA ARG B 51 15.02 2.75 8.32
C ARG B 51 15.31 2.23 6.92
N GLN B 52 14.93 0.98 6.68
CA GLN B 52 15.07 0.38 5.35
C GLN B 52 14.41 1.20 4.23
N LYS B 53 13.23 1.77 4.49
CA LYS B 53 12.55 2.49 3.42
C LYS B 53 13.39 3.68 2.95
N TYR B 54 14.08 4.34 3.88
CA TYR B 54 15.00 5.41 3.51
C TYR B 54 16.13 4.87 2.63
N ARG B 55 16.75 3.75 3.03
CA ARG B 55 17.83 3.18 2.23
C ARG B 55 17.33 2.79 0.84
N ASN B 56 16.09 2.28 0.77
CA ASN B 56 15.52 1.89 -0.52
C ASN B 56 15.51 3.10 -1.48
N ILE B 57 15.01 4.24 -0.98
CA ILE B 57 14.85 5.39 -1.87
C ILE B 57 16.18 6.08 -2.21
N LYS B 58 17.19 5.94 -1.35
CA LYS B 58 18.52 6.43 -1.71
C LYS B 58 19.07 5.67 -2.93
N ALA B 59 18.74 4.39 -3.08
CA ALA B 59 19.21 3.59 -4.21
C ALA B 59 18.27 3.56 -5.42
N ASN B 60 16.96 3.73 -5.18
CA ASN B 60 15.96 3.69 -6.25
C ASN B 60 14.89 4.72 -5.89
N PRO B 61 14.88 5.86 -6.57
CA PRO B 61 13.96 6.94 -6.18
C PRO B 61 12.52 6.77 -6.66
N ALA B 62 12.23 5.69 -7.39
CA ALA B 62 10.86 5.50 -7.89
C ALA B 62 9.96 4.91 -6.80
N VAL B 63 8.83 5.56 -6.57
CA VAL B 63 7.89 5.16 -5.54
C VAL B 63 6.46 5.16 -6.07
N ALA B 64 5.54 4.57 -5.30
CA ALA B 64 4.11 4.65 -5.63
C ALA B 64 3.33 4.67 -4.32
N SER B 66 -0.64 4.27 -2.48
CA SER B 66 -2.05 3.89 -2.59
C SER B 66 -2.82 4.51 -1.44
N VAL B 67 -3.97 5.09 -1.76
CA VAL B 67 -4.91 5.62 -0.76
C VAL B 67 -6.34 5.24 -1.17
N ILE B 68 -7.16 4.85 -0.19
CA ILE B 68 -8.57 4.55 -0.48
C ILE B 68 -9.45 5.39 0.45
N ASP B 69 -10.61 5.80 -0.02
CA ASP B 69 -11.55 6.55 0.77
C ASP B 69 -12.22 5.63 1.78
N PRO B 70 -12.03 5.90 3.08
CA PRO B 70 -12.58 4.99 4.09
C PRO B 70 -14.10 5.03 4.15
N ASP B 71 -14.70 6.04 3.52
CA ASP B 71 -16.15 6.24 3.52
C ASP B 71 -16.81 5.71 2.25
N ASN B 72 -16.02 5.32 1.26
CA ASN B 72 -16.55 4.95 -0.04
C ASN B 72 -15.51 4.18 -0.84
N PRO B 73 -15.54 2.85 -0.76
CA PRO B 73 -14.57 2.00 -1.43
C PRO B 73 -14.47 2.19 -2.94
N TYR B 74 -15.45 2.83 -3.59
CA TYR B 74 -15.34 3.09 -5.03
C TYR B 74 -14.27 4.15 -5.37
N ARG B 75 -13.84 4.91 -4.36
CA ARG B 75 -12.91 6.00 -4.57
C ARG B 75 -11.53 5.65 -4.03
N TYR B 76 -10.55 5.62 -4.92
CA TYR B 76 -9.18 5.31 -4.54
C TYR B 76 -8.23 5.87 -5.57
N LEU B 77 -6.95 5.87 -5.21
CA LEU B 77 -5.93 6.46 -6.05
C LEU B 77 -4.60 5.76 -5.83
N GLU B 78 -3.91 5.52 -6.94
CA GLU B 78 -2.48 5.16 -6.93
C GLU B 78 -1.73 6.34 -7.55
N VAL B 79 -0.75 6.84 -6.81
CA VAL B 79 0.10 7.92 -7.28
C VAL B 79 1.50 7.38 -7.52
N ARG B 80 1.99 7.41 -8.76
CA ARG B 80 3.37 7.03 -9.05
C ARG B 80 4.20 8.30 -9.07
N GLY B 81 5.45 8.23 -8.63
CA GLY B 81 6.30 9.42 -8.69
C GLY B 81 7.74 9.12 -8.36
N LEU B 82 8.56 10.17 -8.41
CA LEU B 82 10.00 10.06 -8.07
C LEU B 82 10.29 10.91 -6.86
N VAL B 83 11.14 10.39 -5.98
CA VAL B 83 11.74 11.20 -4.92
C VAL B 83 12.67 12.20 -5.58
N GLU B 84 12.40 13.47 -5.37
CA GLU B 84 13.25 14.50 -5.95
C GLU B 84 14.05 15.31 -4.94
N ASP B 85 13.73 15.21 -3.65
CA ASP B 85 14.54 15.88 -2.64
C ASP B 85 14.37 15.13 -1.34
N ILE B 86 15.40 15.21 -0.50
CA ILE B 86 15.37 14.72 0.87
C ILE B 86 15.93 15.85 1.72
N VAL B 87 15.07 16.45 2.53
CA VAL B 87 15.42 17.70 3.25
C VAL B 87 15.55 17.42 4.73
N PRO B 88 16.71 17.75 5.34
CA PRO B 88 16.82 17.51 6.78
C PRO B 88 15.74 18.27 7.58
N ASP B 89 15.22 17.62 8.60
CA ASP B 89 14.18 18.20 9.49
C ASP B 89 14.61 18.05 10.95
N PRO B 90 15.82 18.58 11.32
CA PRO B 90 16.38 18.25 12.65
C PRO B 90 15.59 18.82 13.83
N THR B 91 14.72 19.80 13.59
CA THR B 91 13.86 20.30 14.67
C THR B 91 12.55 19.49 14.80
N GLY B 92 12.29 18.61 13.83
CA GLY B 92 11.02 17.86 13.79
C GLY B 92 9.78 18.69 13.47
N ALA B 93 9.97 19.90 12.97
CA ALA B 93 8.85 20.78 12.60
C ALA B 93 7.95 20.13 11.56
N PHE B 94 8.52 19.47 10.54
CA PHE B 94 7.64 18.88 9.53
C PHE B 94 6.84 17.70 10.11
N TYR B 95 7.50 16.88 10.93
CA TYR B 95 6.78 15.82 11.65
C TYR B 95 5.61 16.43 12.43
N LEU B 96 5.83 17.53 13.14
CA LEU B 96 4.73 18.14 13.89
C LEU B 96 3.62 18.72 13.02
N LYS B 97 3.97 19.19 11.83
CA LYS B 97 2.95 19.63 10.88
C LYS B 97 2.04 18.47 10.47
N LEU B 98 2.63 17.31 10.10
CA LEU B 98 1.84 16.13 9.81
C LEU B 98 1.05 15.67 11.01
N ASN B 99 1.69 15.65 12.18
CA ASN B 99 1.01 15.23 13.41
C ASN B 99 -0.26 16.06 13.58
N ASP B 100 -0.13 17.36 13.34
CA ASP B 100 -1.26 18.28 13.47
C ASP B 100 -2.37 17.94 12.46
N ARG B 101 -2.00 17.71 11.20
CA ARG B 101 -3.02 17.41 10.20
C ARG B 101 -3.77 16.11 10.49
N TYR B 102 -3.08 15.18 11.15
CA TYR B 102 -3.64 13.86 11.49
C TYR B 102 -4.20 13.78 12.92
N ASP B 103 -4.22 14.89 13.65
CA ASP B 103 -4.65 14.89 15.06
C ASP B 103 -3.92 13.76 15.83
N GLY B 104 -2.61 13.71 15.62
CA GLY B 104 -1.73 12.70 16.19
C GLY B 104 -1.43 12.93 17.64
N PRO B 105 -0.79 11.94 18.28
CA PRO B 105 -0.59 11.91 19.72
C PRO B 105 0.60 12.69 20.26
N LEU B 106 1.51 13.16 19.40
CA LEU B 106 2.70 13.83 19.93
C LEU B 106 2.33 15.21 20.36
N THR B 107 2.92 15.60 21.50
N THR B 107 2.85 15.73 21.45
CA THR B 107 2.71 16.89 22.15
CA THR B 107 2.69 17.16 21.52
C THR B 107 4.00 17.73 22.15
C THR B 107 4.03 17.84 21.25
N GLU B 108 5.08 17.12 21.65
CA GLU B 108 6.40 17.68 21.59
C GLU B 108 7.02 17.21 20.30
N PRO B 109 8.09 17.88 19.83
CA PRO B 109 8.83 17.34 18.69
C PRO B 109 9.25 15.90 18.95
N PRO B 110 9.30 15.06 17.90
CA PRO B 110 9.69 13.68 18.09
C PRO B 110 11.07 13.55 18.70
N ALA B 111 11.26 12.54 19.55
CA ALA B 111 12.55 12.27 20.20
C ALA B 111 13.68 11.96 19.21
N ASP B 112 13.31 11.39 18.06
CA ASP B 112 14.27 11.04 17.00
C ASP B 112 14.52 12.18 15.99
N LYS B 113 14.14 13.40 16.38
CA LYS B 113 14.22 14.55 15.47
C LYS B 113 15.57 14.79 14.79
N ALA B 114 16.66 14.49 15.47
CA ALA B 114 17.98 14.66 14.86
C ALA B 114 18.12 13.87 13.56
N ASP B 115 17.37 12.78 13.45
CA ASP B 115 17.45 11.93 12.25
C ASP B 115 16.28 12.08 11.29
N ARG B 116 15.43 13.09 11.54
CA ARG B 116 14.25 13.31 10.70
C ARG B 116 14.58 14.04 9.42
N VAL B 117 13.91 13.63 8.34
CA VAL B 117 14.02 14.26 7.04
C VAL B 117 12.61 14.39 6.44
N ILE B 118 12.50 15.19 5.39
CA ILE B 118 11.30 15.31 4.59
C ILE B 118 11.59 14.69 3.22
N ILE B 119 10.80 13.69 2.84
CA ILE B 119 10.92 13.07 1.51
C ILE B 119 9.94 13.75 0.57
N VAL B 120 10.45 14.33 -0.52
CA VAL B 120 9.60 15.07 -1.45
C VAL B 120 9.45 14.25 -2.74
N VAL B 121 8.21 13.94 -3.08
CA VAL B 121 7.89 13.09 -4.24
C VAL B 121 7.06 13.87 -5.26
N ARG B 122 7.55 13.90 -6.50
CA ARG B 122 6.80 14.57 -7.57
C ARG B 122 6.10 13.50 -8.40
N PRO B 123 4.75 13.54 -8.45
CA PRO B 123 4.03 12.55 -9.23
C PRO B 123 4.29 12.55 -10.73
N THR B 124 4.22 11.35 -11.28
CA THR B 124 4.21 11.14 -12.73
C THR B 124 2.86 10.60 -13.24
N ALA B 125 2.04 10.02 -12.37
CA ALA B 125 0.78 9.44 -12.80
C ALA B 125 -0.14 9.31 -11.59
N PHE B 126 -1.44 9.44 -11.87
CA PHE B 126 -2.51 9.21 -10.89
C PHE B 126 -3.50 8.26 -11.53
N SER B 127 -3.81 7.16 -10.88
CA SER B 127 -4.80 6.26 -11.44
C SER B 127 -5.87 5.93 -10.43
N LYS B 128 -7.10 6.02 -10.89
N LYS B 128 -7.11 6.02 -10.86
CA LYS B 128 -8.27 5.81 -10.04
CA LYS B 128 -8.24 5.75 -9.99
C LYS B 128 -9.12 4.63 -10.50
C LYS B 128 -9.13 4.64 -10.52
N GLN B 129 -8.62 3.87 -11.49
CA GLN B 129 -9.34 2.70 -12.03
C GLN B 129 -8.41 1.64 -12.60
#